data_6PQW
#
_entry.id   6PQW
#
_cell.length_a   44.449
_cell.length_b   51.235
_cell.length_c   78.955
_cell.angle_alpha   90.000
_cell.angle_beta   92.160
_cell.angle_gamma   90.000
#
_symmetry.space_group_name_H-M   'P 1 21 1'
#
loop_
_entity.id
_entity.type
_entity.pdbx_description
1 polymer 'Cytochrome P450'
2 non-polymer '3-methylbenzoic acid'
3 non-polymer 'PROTOPORPHYRIN IX CONTAINING FE'
4 non-polymer 'CHLORIDE ION'
5 water water
#
_entity_poly.entity_id   1
_entity_poly.type   'polypeptide(L)'
_entity_poly.pdbx_seq_one_letter_code
;MISNSSAESISAPPNDSTIPHLAIDPFSLDFFDDPYPDQQTLRDAGPVVYLDKWNVYGVARYAEVHAVLNDPTTFCSSRG
VGLSDFKKEKPWRPPSLILEADPPAHTRPRAVLSKVLSPATMKTIRDGFAAAADAKVDELLQRGCIDAIADLAEAYPLSV
FPDAMGLKQEGREHLLPYAGLVFNAFGPPNELRQTAIERSAPHQAYVNEQCQRPNLAPGGFGACIHAFTDTGEITPDEAP
LLVRSLLSAGLDTTVNGIGAAVYCLARFPGELQRLRSDPTLARNAFEEAVRFESPVQTFFRTTTREVELGGAVIGEGEKV
LMFLGSANRDPRRWSDPDLYDITRKTSGHVGFGSGVHMCVGQLVARLEGEVMLSALARKVAAIDIDGPVKRRFNNTLRGL
ESLPVKLTPA
;
_entity_poly.pdbx_strand_id   A
#
# COMPACT_ATOMS: atom_id res chain seq x y z
N THR A 18 16.04 -20.27 -22.02
CA THR A 18 16.53 -20.24 -20.65
C THR A 18 15.45 -19.75 -19.68
N ILE A 19 14.75 -18.71 -20.08
CA ILE A 19 13.72 -18.08 -19.24
C ILE A 19 12.35 -18.51 -19.77
N PRO A 20 11.45 -18.99 -18.92
CA PRO A 20 10.12 -19.37 -19.41
C PRO A 20 9.30 -18.14 -19.77
N HIS A 21 8.52 -18.28 -20.83
CA HIS A 21 7.62 -17.23 -21.29
C HIS A 21 6.20 -17.60 -20.92
N LEU A 22 5.48 -16.68 -20.27
CA LEU A 22 4.10 -16.94 -19.91
C LEU A 22 3.19 -15.86 -20.48
N ALA A 23 1.95 -16.24 -20.75
CA ALA A 23 0.93 -15.37 -21.30
C ALA A 23 0.02 -14.78 -20.24
N ILE A 24 0.23 -15.15 -18.97
CA ILE A 24 -0.55 -14.59 -17.86
C ILE A 24 -0.50 -13.07 -17.91
N ASP A 25 -1.67 -12.44 -17.81
CA ASP A 25 -1.76 -11.00 -17.67
C ASP A 25 -2.04 -10.67 -16.21
N PRO A 26 -1.05 -10.23 -15.43
CA PRO A 26 -1.28 -9.94 -14.02
C PRO A 26 -2.08 -8.66 -13.78
N PHE A 27 -2.53 -7.99 -14.84
CA PHE A 27 -3.35 -6.80 -14.72
C PHE A 27 -4.73 -7.01 -15.32
N SER A 28 -5.12 -8.26 -15.56
CA SER A 28 -6.44 -8.59 -16.08
C SER A 28 -7.46 -8.73 -14.94
N LEU A 29 -8.72 -8.46 -15.22
CA LEU A 29 -9.74 -8.59 -14.17
C LEU A 29 -9.80 -10.04 -13.69
N ASP A 30 -9.66 -11.02 -14.56
CA ASP A 30 -9.67 -12.42 -14.11
C ASP A 30 -8.57 -12.67 -13.08
N PHE A 31 -7.37 -12.14 -13.34
CA PHE A 31 -6.28 -12.29 -12.38
C PHE A 31 -6.62 -11.62 -11.06
N PHE A 32 -7.10 -10.37 -11.10
CA PHE A 32 -7.45 -9.68 -9.85
C PHE A 32 -8.50 -10.46 -9.06
N ASP A 33 -9.45 -11.06 -9.78
CA ASP A 33 -10.53 -11.76 -9.11
C ASP A 33 -10.02 -12.94 -8.29
N ASP A 34 -8.97 -13.60 -8.75
CA ASP A 34 -8.38 -14.67 -7.95
C ASP A 34 -6.95 -14.87 -8.41
N PRO A 35 -5.99 -14.20 -7.77
CA PRO A 35 -4.63 -14.21 -8.29
C PRO A 35 -3.81 -15.40 -7.84
N TYR A 36 -4.29 -16.22 -6.91
CA TYR A 36 -3.38 -17.14 -6.26
C TYR A 36 -2.94 -18.31 -7.15
N PRO A 37 -3.82 -18.93 -7.94
CA PRO A 37 -3.30 -19.98 -8.84
C PRO A 37 -2.28 -19.44 -9.82
N ASP A 38 -2.53 -18.28 -10.43
CA ASP A 38 -1.57 -17.74 -11.38
C ASP A 38 -0.26 -17.36 -10.71
N GLN A 39 -0.31 -16.87 -9.46
CA GLN A 39 0.93 -16.56 -8.75
C GLN A 39 1.74 -17.82 -8.50
N GLN A 40 1.08 -18.95 -8.17
CA GLN A 40 1.84 -20.19 -8.03
C GLN A 40 2.44 -20.59 -9.37
N THR A 41 1.69 -20.42 -10.45
CA THR A 41 2.23 -20.75 -11.77
C THR A 41 3.47 -19.90 -12.06
N LEU A 42 3.41 -18.61 -11.71
CA LEU A 42 4.57 -17.73 -11.90
C LEU A 42 5.75 -18.16 -11.03
N ARG A 43 5.51 -18.50 -9.77
CA ARG A 43 6.62 -18.93 -8.91
C ARG A 43 7.24 -20.21 -9.43
N ASP A 44 6.41 -21.17 -9.80
CA ASP A 44 6.90 -22.51 -10.08
C ASP A 44 7.52 -22.60 -11.45
N ALA A 45 7.24 -21.64 -12.33
CA ALA A 45 7.84 -21.67 -13.67
C ALA A 45 9.35 -21.46 -13.65
N GLY A 46 9.86 -20.73 -12.65
CA GLY A 46 11.27 -20.44 -12.54
C GLY A 46 11.50 -19.22 -11.67
N PRO A 47 12.75 -18.97 -11.28
CA PRO A 47 13.02 -17.74 -10.51
C PRO A 47 12.77 -16.47 -11.29
N VAL A 48 12.93 -16.48 -12.61
CA VAL A 48 12.69 -15.31 -13.45
C VAL A 48 11.84 -15.76 -14.62
N VAL A 49 10.74 -15.06 -14.88
CA VAL A 49 9.87 -15.37 -16.00
C VAL A 49 9.86 -14.16 -16.92
N TYR A 50 9.39 -14.39 -18.15
CA TYR A 50 9.13 -13.31 -19.09
C TYR A 50 7.64 -13.28 -19.40
N LEU A 51 7.02 -12.13 -19.18
CA LEU A 51 5.58 -11.97 -19.44
C LEU A 51 5.38 -11.40 -20.83
N ASP A 52 5.02 -12.27 -21.78
CA ASP A 52 4.85 -11.88 -23.18
C ASP A 52 3.76 -10.84 -23.38
N LYS A 53 2.77 -10.78 -22.47
CA LYS A 53 1.66 -9.84 -22.64
C LYS A 53 2.14 -8.39 -22.63
N TRP A 54 3.16 -8.11 -21.83
CA TRP A 54 3.59 -6.72 -21.59
C TRP A 54 5.08 -6.53 -21.85
N ASN A 55 5.80 -7.57 -22.28
CA ASN A 55 7.24 -7.47 -22.54
C ASN A 55 8.02 -6.98 -21.33
N VAL A 56 7.82 -7.65 -20.18
CA VAL A 56 8.57 -7.37 -18.96
C VAL A 56 9.01 -8.68 -18.36
N TYR A 57 10.09 -8.62 -17.58
CA TYR A 57 10.47 -9.75 -16.76
C TYR A 57 9.64 -9.76 -15.50
N GLY A 58 9.42 -10.94 -14.94
CA GLY A 58 8.71 -11.07 -13.66
C GLY A 58 9.46 -11.89 -12.65
N VAL A 59 9.38 -11.48 -11.38
CA VAL A 59 9.89 -12.29 -10.28
C VAL A 59 8.77 -12.44 -9.25
N ALA A 60 8.42 -13.68 -8.94
CA ALA A 60 7.31 -13.95 -8.04
C ALA A 60 7.70 -14.70 -6.76
N ARG A 61 8.92 -15.25 -6.67
CA ARG A 61 9.37 -15.88 -5.44
C ARG A 61 9.93 -14.86 -4.46
N TYR A 62 9.86 -15.20 -3.17
CA TYR A 62 10.37 -14.31 -2.13
C TYR A 62 11.83 -13.96 -2.37
N ALA A 63 12.67 -14.97 -2.66
CA ALA A 63 14.11 -14.72 -2.75
C ALA A 63 14.44 -13.65 -3.82
N GLU A 64 13.86 -13.77 -5.01
CA GLU A 64 14.21 -12.83 -6.08
C GLU A 64 13.57 -11.47 -5.85
N VAL A 65 12.33 -11.44 -5.34
CA VAL A 65 11.70 -10.15 -5.01
C VAL A 65 12.55 -9.40 -3.99
N HIS A 66 13.00 -10.12 -2.95
CA HIS A 66 13.82 -9.50 -1.93
C HIS A 66 15.16 -9.04 -2.51
N ALA A 67 15.78 -9.87 -3.37
CA ALA A 67 17.05 -9.48 -3.97
C ALA A 67 16.90 -8.22 -4.83
N VAL A 68 15.84 -8.17 -5.63
CA VAL A 68 15.65 -7.03 -6.51
C VAL A 68 15.42 -5.77 -5.68
N LEU A 69 14.52 -5.84 -4.68
CA LEU A 69 14.27 -4.67 -3.85
C LEU A 69 15.54 -4.14 -3.20
N ASN A 70 16.48 -5.02 -2.86
CA ASN A 70 17.66 -4.64 -2.10
C ASN A 70 18.89 -4.36 -2.97
N ASP A 71 18.71 -4.22 -4.28
CA ASP A 71 19.78 -3.76 -5.15
C ASP A 71 19.26 -2.59 -5.97
N PRO A 72 19.13 -1.41 -5.37
CA PRO A 72 18.56 -0.27 -6.10
C PRO A 72 19.50 0.30 -7.16
N THR A 73 20.79 -0.02 -7.11
CA THR A 73 21.69 0.42 -8.17
C THR A 73 21.39 -0.30 -9.49
N THR A 74 21.24 -1.62 -9.42
CA THR A 74 20.97 -2.39 -10.62
C THR A 74 19.50 -2.27 -11.02
N PHE A 75 18.60 -2.31 -10.04
CA PHE A 75 17.16 -2.28 -10.30
C PHE A 75 16.63 -0.93 -9.83
N CYS A 76 16.70 0.07 -10.70
CA CYS A 76 16.47 1.43 -10.28
C CYS A 76 14.98 1.79 -10.27
N SER A 77 14.65 2.88 -9.58
CA SER A 77 13.29 3.41 -9.53
C SER A 77 13.09 4.70 -10.32
N SER A 78 14.16 5.38 -10.76
CA SER A 78 14.00 6.68 -11.40
C SER A 78 13.50 6.57 -12.84
N ARG A 79 13.48 5.38 -13.41
CA ARG A 79 12.80 5.21 -14.69
C ARG A 79 11.37 4.75 -14.51
N GLY A 80 10.81 4.92 -13.31
CA GLY A 80 9.42 4.64 -13.01
C GLY A 80 9.28 3.29 -12.32
N VAL A 81 8.30 3.20 -11.42
CA VAL A 81 7.99 1.93 -10.76
C VAL A 81 6.67 1.37 -11.27
N GLY A 82 6.13 1.95 -12.35
CA GLY A 82 5.10 1.33 -13.13
C GLY A 82 5.66 0.73 -14.41
N LEU A 83 4.75 0.34 -15.30
CA LEU A 83 5.18 -0.31 -16.54
C LEU A 83 5.93 0.67 -17.43
N SER A 84 5.48 1.93 -17.45
CA SER A 84 6.09 2.94 -18.31
C SER A 84 7.53 3.20 -17.88
N ASP A 85 8.41 3.30 -18.89
CA ASP A 85 9.81 3.61 -18.70
C ASP A 85 9.99 5.10 -18.97
N PHE A 86 10.33 5.88 -17.93
CA PHE A 86 10.45 7.32 -18.07
C PHE A 86 11.55 7.74 -19.05
N LYS A 87 12.49 6.85 -19.38
CA LYS A 87 13.44 7.17 -20.43
C LYS A 87 12.81 7.09 -21.81
N LYS A 88 11.65 6.42 -21.94
CA LYS A 88 10.96 6.22 -23.21
C LYS A 88 9.68 7.05 -23.34
N GLU A 89 8.95 7.27 -22.25
CA GLU A 89 7.69 8.00 -22.30
C GLU A 89 7.69 9.06 -21.20
N LYS A 90 6.86 10.07 -21.41
CA LYS A 90 6.69 11.10 -20.41
C LYS A 90 5.87 10.55 -19.25
N PRO A 91 6.26 10.77 -18.00
CA PRO A 91 5.39 10.38 -16.88
C PRO A 91 4.08 11.15 -16.94
N TRP A 92 3.00 10.49 -16.50
CA TRP A 92 1.68 11.12 -16.55
C TRP A 92 1.56 12.31 -15.60
N ARG A 93 2.40 12.39 -14.57
CA ARG A 93 2.51 13.54 -13.68
C ARG A 93 3.99 13.69 -13.35
N PRO A 94 4.43 14.87 -12.88
CA PRO A 94 5.85 15.02 -12.48
C PRO A 94 6.26 13.88 -11.55
N PRO A 95 7.47 13.34 -11.72
CA PRO A 95 7.87 12.19 -10.91
C PRO A 95 7.91 12.51 -9.42
N SER A 96 7.53 11.51 -8.64
CA SER A 96 7.69 11.62 -7.20
C SER A 96 9.17 11.79 -6.85
N LEU A 97 9.45 12.70 -5.90
CA LEU A 97 10.83 12.95 -5.49
C LEU A 97 11.38 11.86 -4.59
N ILE A 98 10.54 10.94 -4.15
CA ILE A 98 11.01 9.87 -3.28
C ILE A 98 10.78 8.51 -3.96
N LEU A 99 9.55 8.20 -4.36
CA LEU A 99 9.27 6.87 -4.92
C LEU A 99 10.02 6.65 -6.23
N GLU A 100 10.16 7.71 -7.03
CA GLU A 100 10.64 7.61 -8.40
C GLU A 100 12.00 8.29 -8.52
N ALA A 101 12.79 8.18 -7.46
CA ALA A 101 14.15 8.70 -7.37
C ALA A 101 15.07 7.59 -6.87
N ASP A 102 16.32 7.65 -7.32
CA ASP A 102 17.35 6.74 -6.85
C ASP A 102 18.31 7.48 -5.91
N PRO A 103 19.07 6.77 -5.10
CA PRO A 103 20.18 7.42 -4.39
C PRO A 103 21.17 7.94 -5.42
N PRO A 104 21.75 9.13 -5.20
CA PRO A 104 21.65 9.93 -3.98
C PRO A 104 20.49 10.91 -3.96
N ALA A 105 19.83 11.19 -5.08
CA ALA A 105 18.76 12.20 -5.06
C ALA A 105 17.63 11.80 -4.12
N HIS A 106 17.44 10.49 -3.94
CA HIS A 106 16.41 9.97 -3.06
C HIS A 106 16.67 10.31 -1.59
N THR A 107 17.94 10.39 -1.19
CA THR A 107 18.31 10.23 0.21
C THR A 107 17.78 11.35 1.11
N ARG A 108 17.96 12.62 0.71
CA ARG A 108 17.56 13.65 1.66
C ARG A 108 16.05 13.85 1.73
N PRO A 109 15.31 13.78 0.60
CA PRO A 109 13.85 13.80 0.71
C PRO A 109 13.30 12.66 1.56
N ARG A 110 13.89 11.46 1.43
CA ARG A 110 13.49 10.33 2.27
C ARG A 110 13.74 10.64 3.74
N ALA A 111 14.88 11.27 4.05
CA ALA A 111 15.19 11.58 5.44
C ALA A 111 14.17 12.54 6.04
N VAL A 112 13.73 13.52 5.24
CA VAL A 112 12.72 14.47 5.70
C VAL A 112 11.39 13.77 5.97
N LEU A 113 10.93 12.92 5.06
CA LEU A 113 9.67 12.23 5.31
C LEU A 113 9.80 11.29 6.51
N SER A 114 10.99 10.72 6.72
N SER A 114 10.98 10.71 6.71
CA SER A 114 11.21 9.87 7.88
CA SER A 114 11.20 9.86 7.88
C SER A 114 11.05 10.64 9.18
C SER A 114 11.02 10.65 9.17
N LYS A 115 11.55 11.88 9.22
CA LYS A 115 11.43 12.68 10.42
C LYS A 115 10.04 13.26 10.58
N VAL A 116 9.32 13.47 9.47
CA VAL A 116 7.95 13.95 9.55
C VAL A 116 7.04 12.85 10.08
N LEU A 117 7.24 11.61 9.64
CA LEU A 117 6.41 10.47 10.04
C LEU A 117 7.15 9.58 11.05
N SER A 118 7.68 10.25 12.05
CA SER A 118 8.62 9.70 13.01
C SER A 118 7.89 9.17 14.24
N PRO A 119 8.60 8.42 15.06
CA PRO A 119 8.10 8.09 16.42
C PRO A 119 7.53 9.26 17.22
N ALA A 120 8.21 10.41 17.24
CA ALA A 120 7.67 11.54 18.00
C ALA A 120 6.35 11.98 17.43
N THR A 121 6.22 11.99 16.10
CA THR A 121 4.95 12.36 15.52
C THR A 121 3.87 11.35 15.91
N MET A 122 4.21 10.06 15.90
CA MET A 122 3.24 9.04 16.28
C MET A 122 2.79 9.26 17.71
N LYS A 123 3.72 9.63 18.59
CA LYS A 123 3.33 9.94 19.97
C LYS A 123 2.38 11.12 20.04
N THR A 124 2.55 12.14 19.18
CA THR A 124 1.61 13.26 19.24
C THR A 124 0.20 12.89 18.74
N ILE A 125 0.05 11.91 17.84
CA ILE A 125 -1.25 11.65 17.25
C ILE A 125 -1.92 10.36 17.75
N ARG A 126 -1.22 9.51 18.51
CA ARG A 126 -1.74 8.19 18.85
C ARG A 126 -3.06 8.28 19.63
N ASP A 127 -3.13 9.16 20.63
CA ASP A 127 -4.34 9.19 21.45
C ASP A 127 -5.55 9.56 20.62
N GLY A 128 -5.38 10.52 19.70
CA GLY A 128 -6.50 10.92 18.87
C GLY A 128 -6.87 9.85 17.86
N PHE A 129 -5.89 9.16 17.30
CA PHE A 129 -6.21 8.07 16.36
C PHE A 129 -6.95 6.94 17.06
N ALA A 130 -6.54 6.62 18.30
CA ALA A 130 -7.19 5.55 19.03
C ALA A 130 -8.60 5.94 19.45
N ALA A 131 -8.81 7.18 19.92
CA ALA A 131 -10.17 7.60 20.25
C ALA A 131 -11.09 7.54 19.04
N ALA A 132 -10.59 7.92 17.86
CA ALA A 132 -11.43 7.90 16.65
C ALA A 132 -11.76 6.47 16.26
N ALA A 133 -10.82 5.55 16.45
CA ALA A 133 -11.08 4.13 16.18
C ALA A 133 -12.15 3.57 17.11
N ASP A 134 -12.01 3.85 18.42
CA ASP A 134 -13.02 3.40 19.37
C ASP A 134 -14.39 3.98 19.04
N ALA A 135 -14.44 5.28 18.71
CA ALA A 135 -15.72 5.92 18.44
C ALA A 135 -16.39 5.33 17.21
N LYS A 136 -15.61 5.05 16.16
CA LYS A 136 -16.17 4.45 14.95
C LYS A 136 -16.76 3.08 15.26
N VAL A 137 -16.03 2.25 16.00
CA VAL A 137 -16.54 0.92 16.29
C VAL A 137 -17.82 1.01 17.13
N ASP A 138 -17.85 1.93 18.11
CA ASP A 138 -19.07 2.14 18.87
C ASP A 138 -20.22 2.54 17.97
N GLU A 139 -19.98 3.49 17.05
CA GLU A 139 -21.02 3.93 16.12
C GLU A 139 -21.50 2.77 15.26
N LEU A 140 -20.57 1.96 14.76
CA LEU A 140 -20.96 0.86 13.90
C LEU A 140 -21.79 -0.18 14.65
N LEU A 141 -21.45 -0.42 15.92
CA LEU A 141 -22.19 -1.39 16.74
C LEU A 141 -23.64 -0.94 16.96
N GLN A 142 -23.90 0.37 16.94
CA GLN A 142 -25.28 0.84 17.04
C GLN A 142 -26.08 0.51 15.78
N ARG A 143 -25.44 0.45 14.62
CA ARG A 143 -26.11 0.04 13.38
C ARG A 143 -26.19 -1.47 13.22
N GLY A 144 -25.19 -2.21 13.69
CA GLY A 144 -25.21 -3.66 13.66
C GLY A 144 -24.76 -4.21 12.32
N CYS A 145 -25.56 -3.96 11.27
CA CYS A 145 -25.24 -4.40 9.91
C CYS A 145 -24.69 -3.21 9.13
N ILE A 146 -23.44 -3.33 8.66
CA ILE A 146 -22.71 -2.24 8.05
C ILE A 146 -21.95 -2.78 6.85
N ASP A 147 -21.36 -1.86 6.08
CA ASP A 147 -20.46 -2.21 5.00
C ASP A 147 -19.04 -1.94 5.53
N ALA A 148 -18.27 -3.01 5.74
CA ALA A 148 -16.97 -2.77 6.37
C ALA A 148 -16.00 -2.03 5.45
N ILE A 149 -16.35 -1.84 4.19
CA ILE A 149 -15.50 -0.97 3.36
C ILE A 149 -15.93 0.48 3.56
N ALA A 150 -17.06 0.89 2.99
CA ALA A 150 -17.44 2.31 3.09
C ALA A 150 -17.49 2.80 4.54
N ASP A 151 -18.04 1.99 5.43
CA ASP A 151 -18.37 2.43 6.78
C ASP A 151 -17.23 2.28 7.78
N LEU A 152 -16.16 1.56 7.42
CA LEU A 152 -15.10 1.28 8.38
C LEU A 152 -13.73 1.48 7.72
N ALA A 153 -13.41 0.64 6.74
CA ALA A 153 -12.09 0.72 6.12
C ALA A 153 -11.88 2.07 5.43
N GLU A 154 -12.92 2.63 4.82
CA GLU A 154 -12.82 3.98 4.26
C GLU A 154 -13.09 5.04 5.31
N ALA A 155 -14.17 4.87 6.08
CA ALA A 155 -14.61 5.93 6.99
C ALA A 155 -13.57 6.24 8.06
N TYR A 156 -12.91 5.20 8.63
CA TYR A 156 -11.96 5.48 9.71
C TYR A 156 -10.73 6.24 9.21
N PRO A 157 -10.01 5.81 8.16
CA PRO A 157 -8.90 6.64 7.68
C PRO A 157 -9.33 8.03 7.26
N LEU A 158 -10.52 8.16 6.66
CA LEU A 158 -10.99 9.49 6.29
C LEU A 158 -11.23 10.35 7.52
N SER A 159 -11.51 9.73 8.67
CA SER A 159 -11.77 10.51 9.88
C SER A 159 -10.50 10.96 10.60
N VAL A 160 -9.32 10.42 10.27
CA VAL A 160 -8.09 10.76 10.97
C VAL A 160 -7.00 11.29 10.04
N PHE A 161 -6.84 10.73 8.82
CA PHE A 161 -5.64 11.04 8.04
C PHE A 161 -5.70 12.42 7.38
N PRO A 162 -6.82 12.82 6.73
CA PRO A 162 -6.86 14.20 6.20
C PRO A 162 -6.65 15.24 7.29
N ASP A 163 -7.19 15.03 8.48
CA ASP A 163 -6.95 15.99 9.55
C ASP A 163 -5.48 15.97 9.98
N ALA A 164 -4.86 14.78 10.05
CA ALA A 164 -3.46 14.69 10.45
C ALA A 164 -2.55 15.36 9.42
N MET A 165 -2.97 15.33 8.15
CA MET A 165 -2.26 16.03 7.09
C MET A 165 -2.36 17.54 7.24
N GLY A 166 -3.43 18.02 7.88
CA GLY A 166 -3.74 19.45 7.88
C GLY A 166 -4.61 19.95 6.74
N LEU A 167 -5.41 19.09 6.12
CA LEU A 167 -6.23 19.49 4.99
C LEU A 167 -7.49 20.20 5.46
N LYS A 168 -7.93 21.18 4.69
CA LYS A 168 -9.25 21.75 4.93
C LYS A 168 -10.32 20.69 4.69
N GLN A 169 -11.55 21.00 5.13
CA GLN A 169 -12.65 20.07 4.96
C GLN A 169 -13.10 19.97 3.50
N GLU A 170 -13.21 21.12 2.82
CA GLU A 170 -13.78 21.10 1.47
C GLU A 170 -12.87 20.36 0.49
N GLY A 171 -13.47 19.52 -0.35
CA GLY A 171 -12.75 18.85 -1.41
C GLY A 171 -12.19 17.50 -1.05
N ARG A 172 -12.40 17.02 0.18
CA ARG A 172 -11.79 15.75 0.57
C ARG A 172 -12.32 14.59 -0.25
N GLU A 173 -13.48 14.73 -0.89
CA GLU A 173 -14.01 13.69 -1.77
C GLU A 173 -13.08 13.39 -2.94
N HIS A 174 -12.09 14.26 -3.21
CA HIS A 174 -11.13 14.00 -4.27
C HIS A 174 -10.03 13.03 -3.86
N LEU A 175 -9.86 12.75 -2.57
CA LEU A 175 -8.64 12.06 -2.14
C LEU A 175 -8.63 10.60 -2.58
N LEU A 176 -9.73 9.88 -2.32
CA LEU A 176 -9.73 8.47 -2.73
C LEU A 176 -9.70 8.33 -4.26
N PRO A 177 -10.46 9.15 -5.02
CA PRO A 177 -10.33 9.05 -6.50
C PRO A 177 -8.93 9.35 -6.99
N TYR A 178 -8.24 10.34 -6.40
CA TYR A 178 -6.88 10.63 -6.83
C TYR A 178 -5.95 9.47 -6.55
N ALA A 179 -6.07 8.86 -5.37
CA ALA A 179 -5.19 7.76 -5.05
C ALA A 179 -5.49 6.55 -5.94
N GLY A 180 -6.76 6.29 -6.22
CA GLY A 180 -7.07 5.19 -7.13
C GLY A 180 -6.44 5.42 -8.50
N LEU A 181 -6.49 6.67 -8.96
CA LEU A 181 -5.84 7.06 -10.21
C LEU A 181 -4.34 6.80 -10.16
N VAL A 182 -3.68 7.21 -9.08
CA VAL A 182 -2.23 7.04 -8.99
C VAL A 182 -1.87 5.55 -9.06
N PHE A 183 -2.56 4.72 -8.29
CA PHE A 183 -2.24 3.30 -8.29
C PHE A 183 -2.64 2.60 -9.58
N ASN A 184 -3.73 3.04 -10.22
CA ASN A 184 -4.01 2.51 -11.55
C ASN A 184 -2.93 2.89 -12.56
N ALA A 185 -2.33 4.08 -12.42
CA ALA A 185 -1.38 4.59 -13.40
C ALA A 185 -0.03 3.87 -13.35
N PHE A 186 0.29 3.14 -12.28
CA PHE A 186 1.47 2.26 -12.33
C PHE A 186 1.27 1.11 -13.29
N GLY A 187 0.02 0.81 -13.67
CA GLY A 187 -0.23 -0.35 -14.48
C GLY A 187 0.08 -0.11 -15.95
N PRO A 188 -0.14 -1.15 -16.74
CA PRO A 188 0.00 -1.01 -18.19
C PRO A 188 -1.13 -0.18 -18.75
N PRO A 189 -1.06 0.21 -20.03
CA PRO A 189 -2.13 1.03 -20.63
C PRO A 189 -3.36 0.20 -21.00
N ASN A 190 -3.98 -0.40 -19.98
CA ASN A 190 -5.24 -1.09 -20.16
C ASN A 190 -6.40 -0.12 -19.90
N GLU A 191 -7.62 -0.62 -19.92
CA GLU A 191 -8.77 0.27 -19.76
C GLU A 191 -8.83 0.88 -18.36
N LEU A 192 -8.46 0.11 -17.33
CA LEU A 192 -8.44 0.70 -15.99
C LEU A 192 -7.55 1.93 -15.96
N ARG A 193 -6.37 1.84 -16.57
CA ARG A 193 -5.46 2.98 -16.52
C ARG A 193 -5.97 4.12 -17.38
N GLN A 194 -6.43 3.81 -18.59
CA GLN A 194 -6.77 4.89 -19.49
C GLN A 194 -8.04 5.62 -19.04
N THR A 195 -8.98 4.89 -18.43
CA THR A 195 -10.16 5.53 -17.85
C THR A 195 -9.79 6.40 -16.65
N ALA A 196 -8.89 5.91 -15.78
CA ALA A 196 -8.46 6.72 -14.65
C ALA A 196 -7.85 8.03 -15.12
N ILE A 197 -6.96 7.98 -16.11
CA ILE A 197 -6.31 9.20 -16.55
C ILE A 197 -7.32 10.14 -17.20
N GLU A 198 -8.33 9.58 -17.90
CA GLU A 198 -9.33 10.42 -18.56
C GLU A 198 -10.06 11.31 -17.57
N ARG A 199 -10.32 10.80 -16.37
CA ARG A 199 -11.10 11.48 -15.35
C ARG A 199 -10.26 12.28 -14.38
N SER A 200 -8.96 12.38 -14.61
CA SER A 200 -8.02 12.78 -13.55
C SER A 200 -8.00 14.27 -13.27
N ALA A 201 -8.34 15.13 -14.25
CA ALA A 201 -8.02 16.55 -14.15
C ALA A 201 -8.51 17.22 -12.86
N PRO A 202 -9.77 17.04 -12.43
CA PRO A 202 -10.20 17.73 -11.20
C PRO A 202 -9.53 17.20 -9.94
N HIS A 203 -9.19 15.92 -9.89
CA HIS A 203 -8.53 15.39 -8.70
C HIS A 203 -7.09 15.87 -8.61
N GLN A 204 -6.37 15.85 -9.73
CA GLN A 204 -5.04 16.45 -9.75
C GLN A 204 -5.07 17.91 -9.32
N ALA A 205 -6.03 18.68 -9.83
CA ALA A 205 -6.09 20.11 -9.51
C ALA A 205 -6.27 20.33 -8.02
N TYR A 206 -7.21 19.59 -7.43
CA TYR A 206 -7.42 19.69 -5.99
C TYR A 206 -6.14 19.34 -5.22
N VAL A 207 -5.53 18.20 -5.55
CA VAL A 207 -4.41 17.71 -4.78
C VAL A 207 -3.21 18.65 -4.91
N ASN A 208 -2.87 19.04 -6.14
CA ASN A 208 -1.75 19.95 -6.30
C ASN A 208 -1.98 21.24 -5.52
N GLU A 209 -3.23 21.72 -5.46
CA GLU A 209 -3.47 22.96 -4.72
C GLU A 209 -3.26 22.79 -3.20
N GLN A 210 -3.71 21.66 -2.63
CA GLN A 210 -3.55 21.48 -1.19
C GLN A 210 -2.09 21.25 -0.78
N CYS A 211 -1.20 21.04 -1.74
CA CYS A 211 0.21 20.83 -1.41
C CYS A 211 0.94 22.13 -1.11
N GLN A 212 0.31 23.26 -1.36
CA GLN A 212 0.98 24.55 -1.13
C GLN A 212 0.92 24.94 0.33
N ARG A 213 2.02 25.49 0.81
CA ARG A 213 2.16 25.77 2.24
C ARG A 213 0.96 26.49 2.88
N PRO A 214 0.33 27.50 2.29
CA PRO A 214 -0.76 28.18 3.01
C PRO A 214 -2.01 27.34 3.21
N ASN A 215 -2.14 26.21 2.50
CA ASN A 215 -3.34 25.40 2.57
C ASN A 215 -3.20 24.22 3.53
N LEU A 216 -2.12 24.17 4.32
CA LEU A 216 -1.85 23.05 5.21
C LEU A 216 -1.81 23.55 6.65
N ALA A 217 -2.71 23.05 7.48
CA ALA A 217 -2.92 23.60 8.82
C ALA A 217 -1.71 23.37 9.73
N PRO A 218 -1.48 24.30 10.67
CA PRO A 218 -0.30 24.20 11.52
C PRO A 218 -0.23 22.86 12.26
N GLY A 219 1.00 22.34 12.39
CA GLY A 219 1.25 21.14 13.12
C GLY A 219 0.98 19.83 12.41
N GLY A 220 0.27 19.85 11.27
CA GLY A 220 0.02 18.62 10.52
C GLY A 220 1.21 18.19 9.68
N PHE A 221 1.06 17.02 9.04
CA PHE A 221 2.18 16.45 8.30
C PHE A 221 2.63 17.40 7.19
N GLY A 222 1.67 18.00 6.50
CA GLY A 222 2.00 18.88 5.38
C GLY A 222 2.80 20.10 5.82
N ALA A 223 2.37 20.75 6.91
CA ALA A 223 3.10 21.89 7.42
C ALA A 223 4.48 21.48 7.88
N CYS A 224 4.60 20.30 8.47
CA CYS A 224 5.89 19.80 8.92
CA CYS A 224 5.90 19.84 8.92
C CYS A 224 6.85 19.62 7.76
N ILE A 225 6.35 19.13 6.62
CA ILE A 225 7.22 19.00 5.45
C ILE A 225 7.73 20.38 5.03
N HIS A 226 6.82 21.35 4.92
CA HIS A 226 7.24 22.70 4.53
C HIS A 226 8.18 23.32 5.57
N ALA A 227 8.04 22.93 6.84
CA ALA A 227 8.92 23.50 7.85
C ALA A 227 10.32 22.91 7.79
N PHE A 228 10.50 21.81 7.06
CA PHE A 228 11.80 21.17 6.91
C PHE A 228 12.58 21.69 5.71
N THR A 229 12.14 22.80 5.12
CA THR A 229 12.73 23.30 3.87
C THR A 229 13.89 24.26 4.10
N ASP A 230 14.40 24.36 5.33
CA ASP A 230 15.48 25.31 5.58
C ASP A 230 16.70 24.63 6.20
N THR A 231 16.72 23.30 6.21
CA THR A 231 17.81 22.56 6.86
C THR A 231 18.91 22.16 5.90
N GLY A 232 18.74 22.39 4.59
CA GLY A 232 19.65 21.87 3.61
C GLY A 232 19.30 20.49 3.12
N GLU A 233 18.19 19.91 3.58
CA GLU A 233 17.78 18.60 3.08
C GLU A 233 16.89 18.72 1.85
N ILE A 234 15.88 19.60 1.91
CA ILE A 234 15.03 19.91 0.77
C ILE A 234 14.91 21.42 0.68
N THR A 235 14.56 21.90 -0.52
CA THR A 235 14.27 23.30 -0.69
C THR A 235 12.77 23.53 -0.70
N PRO A 236 12.33 24.79 -0.56
CA PRO A 236 10.89 25.08 -0.59
C PRO A 236 10.18 24.52 -1.80
N ASP A 237 10.81 24.52 -2.97
CA ASP A 237 10.14 24.08 -4.18
C ASP A 237 10.00 22.57 -4.26
N GLU A 238 10.64 21.83 -3.35
CA GLU A 238 10.44 20.38 -3.25
C GLU A 238 9.28 20.01 -2.32
N ALA A 239 8.91 20.90 -1.40
CA ALA A 239 7.92 20.51 -0.40
C ALA A 239 6.56 20.16 -0.99
N PRO A 240 6.01 20.89 -1.98
CA PRO A 240 4.70 20.48 -2.51
C PRO A 240 4.67 19.05 -3.05
N LEU A 241 5.71 18.61 -3.77
CA LEU A 241 5.67 17.25 -4.28
C LEU A 241 5.82 16.23 -3.18
N LEU A 242 6.51 16.57 -2.07
CA LEU A 242 6.57 15.62 -0.95
C LEU A 242 5.23 15.53 -0.22
N VAL A 243 4.52 16.66 -0.06
CA VAL A 243 3.14 16.58 0.41
C VAL A 243 2.33 15.71 -0.53
N ARG A 244 2.53 15.88 -1.84
CA ARG A 244 1.80 15.07 -2.82
C ARG A 244 2.03 13.58 -2.60
N SER A 245 3.25 13.19 -2.23
CA SER A 245 3.51 11.78 -1.95
C SER A 245 2.62 11.26 -0.84
N LEU A 246 2.41 12.06 0.21
CA LEU A 246 1.60 11.59 1.33
C LEU A 246 0.13 11.54 0.94
N LEU A 247 -0.31 12.49 0.10
CA LEU A 247 -1.71 12.48 -0.38
C LEU A 247 -1.95 11.43 -1.47
N SER A 248 -0.88 10.89 -2.05
CA SER A 248 -1.03 9.80 -3.01
C SER A 248 -1.05 8.44 -2.31
N ALA A 249 -0.07 8.20 -1.44
CA ALA A 249 0.15 6.89 -0.84
C ALA A 249 -0.46 6.73 0.55
N GLY A 250 -0.86 7.81 1.21
CA GLY A 250 -1.14 7.68 2.64
C GLY A 250 -2.55 7.32 3.05
N LEU A 251 -3.51 7.38 2.15
CA LEU A 251 -4.91 7.11 2.52
C LEU A 251 -5.42 5.77 1.95
N ASP A 252 -5.35 5.59 0.63
CA ASP A 252 -5.94 4.41 -0.02
C ASP A 252 -5.24 3.12 0.39
N THR A 253 -3.94 3.19 0.69
CA THR A 253 -3.23 2.02 1.19
C THR A 253 -3.82 1.54 2.50
N THR A 254 -3.99 2.46 3.45
CA THR A 254 -4.53 2.11 4.76
C THR A 254 -5.97 1.65 4.66
N VAL A 255 -6.75 2.24 3.74
CA VAL A 255 -8.10 1.74 3.49
C VAL A 255 -8.06 0.26 3.14
N ASN A 256 -7.19 -0.12 2.20
CA ASN A 256 -7.11 -1.53 1.82
C ASN A 256 -6.39 -2.38 2.86
N GLY A 257 -5.50 -1.80 3.66
CA GLY A 257 -4.91 -2.57 4.75
C GLY A 257 -5.92 -2.90 5.84
N ILE A 258 -6.67 -1.90 6.27
CA ILE A 258 -7.69 -2.16 7.30
C ILE A 258 -8.78 -3.05 6.75
N GLY A 259 -9.21 -2.79 5.50
CA GLY A 259 -10.17 -3.68 4.84
C GLY A 259 -9.68 -5.11 4.80
N ALA A 260 -8.40 -5.31 4.50
CA ALA A 260 -7.84 -6.66 4.49
C ALA A 260 -7.94 -7.28 5.87
N ALA A 261 -7.58 -6.52 6.91
CA ALA A 261 -7.63 -7.08 8.26
C ALA A 261 -9.04 -7.47 8.67
N VAL A 262 -10.03 -6.62 8.39
CA VAL A 262 -11.39 -6.98 8.74
C VAL A 262 -11.87 -8.19 7.93
N TYR A 263 -11.57 -8.20 6.62
CA TYR A 263 -11.90 -9.37 5.80
C TYR A 263 -11.26 -10.63 6.35
N CYS A 264 -10.00 -10.54 6.80
CA CYS A 264 -9.37 -11.71 7.38
C CYS A 264 -10.09 -12.15 8.65
N LEU A 265 -10.40 -11.20 9.54
CA LEU A 265 -11.07 -11.57 10.79
C LEU A 265 -12.46 -12.15 10.51
N ALA A 266 -13.10 -11.70 9.44
CA ALA A 266 -14.43 -12.20 9.08
C ALA A 266 -14.37 -13.62 8.54
N ARG A 267 -13.31 -13.95 7.81
CA ARG A 267 -13.13 -15.27 7.23
C ARG A 267 -12.51 -16.28 8.19
N PHE A 268 -11.75 -15.82 9.19
CA PHE A 268 -11.04 -16.69 10.12
C PHE A 268 -11.52 -16.38 11.55
N PRO A 269 -12.74 -16.79 11.91
CA PRO A 269 -13.26 -16.45 13.24
C PRO A 269 -12.39 -16.94 14.38
N GLY A 270 -11.68 -18.05 14.21
CA GLY A 270 -10.75 -18.51 15.23
C GLY A 270 -9.71 -17.46 15.57
N GLU A 271 -9.28 -16.69 14.58
CA GLU A 271 -8.30 -15.65 14.83
C GLU A 271 -8.92 -14.42 15.46
N LEU A 272 -10.19 -14.11 15.13
CA LEU A 272 -10.84 -13.05 15.88
C LEU A 272 -10.94 -13.42 17.35
N GLN A 273 -11.20 -14.70 17.61
CA GLN A 273 -11.34 -15.13 19.00
CA GLN A 273 -11.33 -15.14 19.00
C GLN A 273 -9.99 -15.05 19.72
N ARG A 274 -8.90 -15.37 19.04
CA ARG A 274 -7.59 -15.20 19.68
C ARG A 274 -7.31 -13.72 19.93
N LEU A 275 -7.68 -12.86 18.98
CA LEU A 275 -7.41 -11.43 19.14
C LEU A 275 -8.22 -10.84 20.29
N ARG A 276 -9.51 -11.21 20.41
CA ARG A 276 -10.31 -10.79 21.57
C ARG A 276 -9.66 -11.20 22.88
N SER A 277 -9.09 -12.40 22.94
CA SER A 277 -8.54 -12.87 24.20
C SER A 277 -7.22 -12.18 24.55
N ASP A 278 -6.54 -11.57 23.58
CA ASP A 278 -5.34 -10.79 23.88
C ASP A 278 -5.27 -9.63 22.90
N PRO A 279 -5.89 -8.50 23.24
CA PRO A 279 -5.85 -7.33 22.35
C PRO A 279 -4.46 -6.79 22.09
N THR A 280 -3.44 -7.19 22.87
CA THR A 280 -2.11 -6.73 22.51
C THR A 280 -1.58 -7.41 21.26
N LEU A 281 -2.30 -8.41 20.73
CA LEU A 281 -1.97 -8.98 19.42
C LEU A 281 -2.42 -8.10 18.25
N ALA A 282 -3.04 -6.94 18.52
CA ALA A 282 -3.63 -6.10 17.46
C ALA A 282 -2.60 -5.69 16.40
N ARG A 283 -1.42 -5.25 16.84
CA ARG A 283 -0.43 -4.77 15.88
C ARG A 283 0.04 -5.90 14.97
N ASN A 284 0.31 -7.07 15.55
CA ASN A 284 0.75 -8.19 14.70
C ASN A 284 -0.40 -8.74 13.86
N ALA A 285 -1.64 -8.65 14.35
CA ALA A 285 -2.76 -9.09 13.52
C ALA A 285 -2.88 -8.22 12.27
N PHE A 286 -2.61 -6.92 12.42
CA PHE A 286 -2.62 -6.04 11.24
C PHE A 286 -1.43 -6.34 10.34
N GLU A 287 -0.24 -6.53 10.91
CA GLU A 287 0.90 -6.85 10.08
C GLU A 287 0.66 -8.13 9.28
N GLU A 288 0.06 -9.15 9.92
CA GLU A 288 -0.23 -10.39 9.21
C GLU A 288 -1.25 -10.17 8.11
N ALA A 289 -2.21 -9.26 8.31
CA ALA A 289 -3.16 -8.95 7.24
C ALA A 289 -2.44 -8.31 6.06
N VAL A 290 -1.44 -7.46 6.32
CA VAL A 290 -0.69 -6.84 5.23
C VAL A 290 0.10 -7.92 4.47
N ARG A 291 0.68 -8.90 5.18
CA ARG A 291 1.34 -10.00 4.47
C ARG A 291 0.33 -10.82 3.67
N PHE A 292 -0.77 -11.19 4.33
CA PHE A 292 -1.72 -12.14 3.78
C PHE A 292 -2.45 -11.59 2.56
N GLU A 293 -2.90 -10.32 2.63
CA GLU A 293 -3.58 -9.77 1.47
C GLU A 293 -2.67 -8.96 0.56
N SER A 294 -1.61 -8.35 1.11
CA SER A 294 -0.69 -7.49 0.36
C SER A 294 -1.45 -6.43 -0.43
N PRO A 295 -1.99 -5.43 0.26
CA PRO A 295 -2.75 -4.35 -0.41
C PRO A 295 -2.04 -3.74 -1.59
N VAL A 296 -0.73 -3.53 -1.50
CA VAL A 296 0.06 -3.10 -2.65
C VAL A 296 0.64 -4.38 -3.27
N GLN A 297 0.09 -4.78 -4.42
CA GLN A 297 0.42 -6.11 -4.96
C GLN A 297 1.74 -6.15 -5.70
N THR A 298 2.09 -5.07 -6.40
CA THR A 298 3.14 -5.11 -7.41
C THR A 298 3.83 -3.76 -7.49
N PHE A 299 5.12 -3.79 -7.81
CA PHE A 299 5.83 -2.59 -8.25
C PHE A 299 6.87 -3.07 -9.26
N PHE A 300 7.33 -2.15 -10.11
CA PHE A 300 8.35 -2.44 -11.10
C PHE A 300 9.68 -1.80 -10.70
N ARG A 301 10.76 -2.33 -11.29
CA ARG A 301 12.05 -1.65 -11.36
C ARG A 301 12.53 -1.68 -12.81
N THR A 302 13.59 -0.92 -13.10
CA THR A 302 14.21 -0.97 -14.42
C THR A 302 15.70 -1.27 -14.28
N THR A 303 16.21 -2.23 -15.06
CA THR A 303 17.62 -2.58 -14.95
C THR A 303 18.50 -1.47 -15.53
N THR A 304 19.60 -1.18 -14.84
CA THR A 304 20.55 -0.16 -15.30
C THR A 304 21.74 -0.76 -16.00
N ARG A 305 21.81 -2.10 -16.07
CA ARG A 305 22.91 -2.83 -16.67
C ARG A 305 22.44 -4.25 -16.96
N GLU A 306 23.25 -4.97 -17.71
CA GLU A 306 23.01 -6.41 -17.79
C GLU A 306 23.28 -7.02 -16.43
N VAL A 307 22.44 -7.98 -16.02
CA VAL A 307 22.50 -8.53 -14.66
C VAL A 307 22.08 -9.99 -14.70
N GLU A 308 22.74 -10.80 -13.88
CA GLU A 308 22.33 -12.17 -13.66
C GLU A 308 21.47 -12.21 -12.40
N LEU A 309 20.25 -12.74 -12.55
CA LEU A 309 19.33 -12.86 -11.43
C LEU A 309 18.71 -14.25 -11.49
N GLY A 310 18.86 -15.01 -10.40
CA GLY A 310 18.38 -16.38 -10.36
C GLY A 310 18.81 -17.21 -11.56
N GLY A 311 20.07 -17.10 -11.97
CA GLY A 311 20.58 -17.85 -13.09
C GLY A 311 20.13 -17.38 -14.45
N ALA A 312 19.34 -16.31 -14.53
CA ALA A 312 18.91 -15.74 -15.80
C ALA A 312 19.64 -14.44 -16.05
N VAL A 313 19.88 -14.12 -17.32
CA VAL A 313 20.56 -12.90 -17.71
C VAL A 313 19.54 -11.91 -18.24
N ILE A 314 19.46 -10.75 -17.62
CA ILE A 314 18.55 -9.68 -18.02
C ILE A 314 19.37 -8.52 -18.57
N GLY A 315 19.03 -8.04 -19.76
CA GLY A 315 19.73 -6.93 -20.34
C GLY A 315 19.44 -5.61 -19.66
N GLU A 316 20.21 -4.59 -20.04
CA GLU A 316 20.02 -3.22 -19.57
C GLU A 316 18.67 -2.67 -20.04
N GLY A 317 18.06 -1.83 -19.20
CA GLY A 317 16.89 -1.08 -19.62
C GLY A 317 15.63 -1.91 -19.74
N GLU A 318 15.51 -2.96 -18.94
CA GLU A 318 14.39 -3.89 -18.98
C GLU A 318 13.53 -3.66 -17.75
N LYS A 319 12.21 -3.71 -17.91
CA LYS A 319 11.34 -3.62 -16.74
C LYS A 319 11.25 -4.97 -16.07
N VAL A 320 11.25 -4.93 -14.73
CA VAL A 320 11.13 -6.13 -13.90
C VAL A 320 9.95 -5.90 -12.97
N LEU A 321 8.94 -6.76 -13.08
CA LEU A 321 7.75 -6.69 -12.25
C LEU A 321 7.93 -7.58 -11.02
N MET A 322 7.85 -6.97 -9.83
CA MET A 322 7.95 -7.70 -8.57
C MET A 322 6.57 -8.03 -8.05
N PHE A 323 6.29 -9.29 -7.79
CA PHE A 323 4.99 -9.69 -7.24
C PHE A 323 5.13 -9.76 -5.72
N LEU A 324 4.88 -8.62 -5.04
CA LEU A 324 4.98 -8.58 -3.57
C LEU A 324 4.02 -9.54 -2.89
N GLY A 325 2.76 -9.58 -3.36
CA GLY A 325 1.78 -10.47 -2.76
C GLY A 325 2.17 -11.93 -2.91
N SER A 326 2.75 -12.28 -4.06
CA SER A 326 3.22 -13.65 -4.29
C SER A 326 4.41 -13.99 -3.38
N ALA A 327 5.36 -13.07 -3.28
CA ALA A 327 6.50 -13.26 -2.38
C ALA A 327 6.03 -13.50 -0.95
N ASN A 328 4.95 -12.83 -0.55
CA ASN A 328 4.40 -12.98 0.79
C ASN A 328 3.62 -14.27 0.96
N ARG A 329 3.41 -15.05 -0.10
CA ARG A 329 2.76 -16.35 0.01
C ARG A 329 3.64 -17.48 -0.51
N ASP A 330 4.92 -17.21 -0.70
CA ASP A 330 5.83 -18.20 -1.29
C ASP A 330 6.12 -19.29 -0.27
N PRO A 331 5.75 -20.55 -0.51
CA PRO A 331 6.02 -21.61 0.48
C PRO A 331 7.50 -21.90 0.65
N ARG A 332 8.35 -21.40 -0.25
CA ARG A 332 9.78 -21.52 -0.03
C ARG A 332 10.25 -20.67 1.14
N ARG A 333 9.50 -19.62 1.49
CA ARG A 333 9.83 -18.73 2.59
C ARG A 333 8.91 -18.90 3.79
N TRP A 334 7.63 -19.18 3.58
CA TRP A 334 6.63 -19.15 4.65
C TRP A 334 6.05 -20.52 4.90
N SER A 335 5.91 -20.88 6.17
N SER A 335 5.91 -20.88 6.17
CA SER A 335 5.12 -22.05 6.52
CA SER A 335 5.12 -22.05 6.54
C SER A 335 3.64 -21.71 6.47
C SER A 335 3.64 -21.70 6.46
N ASP A 336 2.86 -22.58 5.84
CA ASP A 336 1.41 -22.41 5.68
C ASP A 336 1.09 -20.99 5.21
N PRO A 337 1.62 -20.58 4.07
CA PRO A 337 1.50 -19.17 3.65
C PRO A 337 0.07 -18.72 3.44
N ASP A 338 -0.84 -19.63 3.13
CA ASP A 338 -2.23 -19.29 2.85
C ASP A 338 -3.10 -19.31 4.11
N LEU A 339 -2.49 -19.40 5.29
CA LEU A 339 -3.21 -19.25 6.55
C LEU A 339 -2.98 -17.86 7.12
N TYR A 340 -4.06 -17.28 7.64
CA TYR A 340 -3.99 -16.03 8.40
C TYR A 340 -3.72 -16.38 9.85
N ASP A 341 -2.55 -15.99 10.37
CA ASP A 341 -2.11 -16.41 11.71
C ASP A 341 -1.60 -15.18 12.46
N ILE A 342 -2.40 -14.70 13.42
CA ILE A 342 -2.04 -13.41 14.04
C ILE A 342 -0.86 -13.52 15.00
N THR A 343 -0.35 -14.73 15.30
CA THR A 343 0.90 -14.84 16.04
C THR A 343 2.08 -15.24 15.16
N ARG A 344 1.92 -15.22 13.83
CA ARG A 344 3.04 -15.49 12.92
C ARG A 344 4.20 -14.54 13.15
N LYS A 345 5.43 -15.04 13.03
CA LYS A 345 6.57 -14.13 12.94
C LYS A 345 6.56 -13.59 11.52
N THR A 346 6.10 -12.35 11.37
CA THR A 346 5.91 -11.74 10.06
C THR A 346 7.13 -11.00 9.57
N SER A 347 8.16 -10.84 10.41
N SER A 347 8.16 -10.84 10.41
CA SER A 347 9.32 -10.04 10.04
CA SER A 347 9.31 -10.05 10.03
C SER A 347 9.93 -10.56 8.75
C SER A 347 9.93 -10.57 8.74
N GLY A 348 10.20 -9.64 7.81
CA GLY A 348 10.71 -10.01 6.52
C GLY A 348 9.69 -10.03 5.40
N HIS A 349 8.40 -9.96 5.71
CA HIS A 349 7.43 -9.83 4.62
C HIS A 349 7.72 -8.55 3.84
N VAL A 350 7.31 -8.53 2.56
CA VAL A 350 7.61 -7.41 1.66
C VAL A 350 6.35 -6.60 1.32
N GLY A 351 5.31 -6.67 2.15
CA GLY A 351 4.10 -5.89 1.90
C GLY A 351 4.30 -4.38 2.02
N PHE A 352 5.30 -3.95 2.78
CA PHE A 352 5.76 -2.57 2.82
C PHE A 352 7.04 -2.36 2.00
N GLY A 353 7.41 -3.31 1.15
CA GLY A 353 8.70 -3.21 0.45
C GLY A 353 9.85 -3.64 1.34
N SER A 354 11.06 -3.28 0.93
CA SER A 354 12.28 -3.71 1.60
C SER A 354 13.43 -2.86 1.08
N GLY A 355 14.35 -2.49 1.97
CA GLY A 355 15.49 -1.68 1.55
C GLY A 355 15.27 -0.18 1.56
N VAL A 356 15.91 0.53 0.63
CA VAL A 356 15.98 1.98 0.79
C VAL A 356 14.63 2.66 0.57
N HIS A 357 13.72 2.05 -0.18
CA HIS A 357 12.40 2.64 -0.40
C HIS A 357 11.33 2.05 0.50
N MET A 358 11.72 1.23 1.49
CA MET A 358 10.70 0.56 2.31
C MET A 358 9.79 1.58 2.94
N CYS A 359 8.48 1.30 2.92
CA CYS A 359 7.44 2.28 3.18
C CYS A 359 7.79 3.30 4.26
N VAL A 360 7.98 4.58 3.87
CA VAL A 360 8.28 5.60 4.88
C VAL A 360 7.08 5.94 5.76
N GLY A 361 5.87 5.61 5.33
CA GLY A 361 4.70 5.82 6.16
C GLY A 361 4.27 4.64 6.99
N GLN A 362 5.13 3.61 7.14
CA GLN A 362 4.70 2.37 7.78
C GLN A 362 4.29 2.61 9.23
N LEU A 363 4.86 3.60 9.92
CA LEU A 363 4.43 3.82 11.30
C LEU A 363 3.01 4.40 11.37
N VAL A 364 2.62 5.20 10.39
CA VAL A 364 1.24 5.68 10.34
C VAL A 364 0.29 4.53 10.02
N ALA A 365 0.63 3.74 8.99
CA ALA A 365 -0.18 2.57 8.64
C ALA A 365 -0.39 1.64 9.83
N ARG A 366 0.71 1.27 10.50
CA ARG A 366 0.61 0.35 11.63
C ARG A 366 -0.17 0.95 12.80
N LEU A 367 0.00 2.26 13.06
CA LEU A 367 -0.76 2.93 14.10
C LEU A 367 -2.25 2.84 13.84
N GLU A 368 -2.68 3.18 12.62
CA GLU A 368 -4.10 3.10 12.26
C GLU A 368 -4.61 1.66 12.38
N GLY A 369 -3.88 0.71 11.78
CA GLY A 369 -4.32 -0.66 11.83
C GLY A 369 -4.37 -1.20 13.25
N GLU A 370 -3.32 -0.91 14.05
CA GLU A 370 -3.31 -1.35 15.44
C GLU A 370 -4.51 -0.83 16.21
N VAL A 371 -4.75 0.48 16.17
CA VAL A 371 -5.79 1.00 17.04
C VAL A 371 -7.17 0.57 16.56
N MET A 372 -7.36 0.38 15.26
CA MET A 372 -8.66 -0.16 14.81
C MET A 372 -8.84 -1.61 15.27
N LEU A 373 -7.79 -2.44 15.11
CA LEU A 373 -7.94 -3.84 15.50
C LEU A 373 -8.07 -3.97 17.01
N SER A 374 -7.48 -3.04 17.77
CA SER A 374 -7.66 -3.01 19.22
C SER A 374 -9.11 -2.72 19.58
N ALA A 375 -9.69 -1.71 18.93
CA ALA A 375 -11.10 -1.40 19.16
C ALA A 375 -11.99 -2.59 18.83
N LEU A 376 -11.75 -3.26 17.69
CA LEU A 376 -12.54 -4.46 17.39
C LEU A 376 -12.35 -5.53 18.47
N ALA A 377 -11.09 -5.77 18.88
CA ALA A 377 -10.82 -6.82 19.85
C ALA A 377 -11.56 -6.58 21.16
N ARG A 378 -11.67 -5.31 21.58
CA ARG A 378 -12.30 -5.03 22.87
C ARG A 378 -13.81 -4.91 22.79
N LYS A 379 -14.37 -4.61 21.62
CA LYS A 379 -15.79 -4.26 21.54
C LYS A 379 -16.66 -5.24 20.76
N VAL A 380 -16.09 -6.10 19.92
CA VAL A 380 -16.87 -6.92 18.99
C VAL A 380 -16.67 -8.39 19.35
N ALA A 381 -17.79 -9.12 19.38
CA ALA A 381 -17.75 -10.55 19.64
C ALA A 381 -17.76 -11.40 18.38
N ALA A 382 -18.36 -10.92 17.29
CA ALA A 382 -18.39 -11.69 16.06
C ALA A 382 -18.47 -10.74 14.87
N ILE A 383 -17.90 -11.18 13.76
CA ILE A 383 -17.96 -10.45 12.48
C ILE A 383 -18.43 -11.47 11.45
N ASP A 384 -19.67 -11.32 10.99
CA ASP A 384 -20.27 -12.31 10.10
C ASP A 384 -20.60 -11.63 8.78
N ILE A 385 -20.02 -12.15 7.69
CA ILE A 385 -20.39 -11.67 6.36
C ILE A 385 -21.86 -11.96 6.14
N ASP A 386 -22.63 -10.93 5.75
CA ASP A 386 -24.07 -11.11 5.67
C ASP A 386 -24.63 -10.49 4.41
N GLY A 387 -23.84 -10.48 3.33
CA GLY A 387 -24.22 -9.86 2.09
C GLY A 387 -23.19 -10.18 1.03
N PRO A 388 -23.51 -9.84 -0.22
CA PRO A 388 -22.59 -10.15 -1.33
C PRO A 388 -21.30 -9.35 -1.21
N VAL A 389 -20.17 -10.05 -1.30
CA VAL A 389 -18.85 -9.43 -1.26
C VAL A 389 -18.49 -9.02 -2.68
N LYS A 390 -18.05 -7.77 -2.86
CA LYS A 390 -17.69 -7.24 -4.16
C LYS A 390 -16.26 -6.76 -4.13
N ARG A 391 -15.48 -7.20 -5.11
CA ARG A 391 -14.09 -6.81 -5.21
C ARG A 391 -13.96 -5.48 -5.96
N ARG A 392 -12.92 -4.72 -5.60
CA ARG A 392 -12.56 -3.47 -6.26
C ARG A 392 -11.33 -3.73 -7.12
N PHE A 393 -11.37 -3.33 -8.40
CA PHE A 393 -10.29 -3.67 -9.32
C PHE A 393 -9.40 -2.46 -9.53
N ASN A 394 -8.09 -2.67 -9.36
CA ASN A 394 -7.11 -1.59 -9.50
C ASN A 394 -5.83 -2.25 -9.97
N ASN A 395 -5.06 -1.57 -10.82
CA ASN A 395 -3.87 -2.21 -11.38
C ASN A 395 -2.80 -2.52 -10.34
N THR A 396 -2.80 -1.83 -9.20
CA THR A 396 -1.78 -2.04 -8.18
C THR A 396 -2.35 -2.48 -6.82
N LEU A 397 -3.52 -1.96 -6.43
CA LEU A 397 -4.09 -2.25 -5.11
C LEU A 397 -5.03 -3.45 -5.16
N ARG A 398 -4.97 -4.27 -4.12
CA ARG A 398 -5.91 -5.38 -3.93
C ARG A 398 -6.82 -5.03 -2.76
N GLY A 399 -8.13 -5.12 -2.96
CA GLY A 399 -9.04 -4.94 -1.86
C GLY A 399 -10.46 -5.00 -2.35
N LEU A 400 -11.38 -4.74 -1.42
CA LEU A 400 -12.80 -4.92 -1.70
C LEU A 400 -13.49 -3.58 -1.95
N GLU A 401 -14.55 -3.66 -2.75
CA GLU A 401 -15.48 -2.55 -2.94
C GLU A 401 -16.56 -2.55 -1.86
N SER A 402 -17.05 -3.73 -1.49
CA SER A 402 -18.13 -3.82 -0.52
C SER A 402 -17.96 -5.09 0.30
N LEU A 403 -18.12 -4.97 1.62
CA LEU A 403 -17.96 -6.08 2.55
C LEU A 403 -19.06 -6.00 3.60
N PRO A 404 -20.26 -6.50 3.28
CA PRO A 404 -21.37 -6.41 4.24
C PRO A 404 -21.14 -7.36 5.41
N VAL A 405 -21.15 -6.82 6.62
CA VAL A 405 -20.96 -7.64 7.81
C VAL A 405 -21.98 -7.24 8.86
N LYS A 406 -22.35 -8.21 9.66
CA LYS A 406 -23.03 -7.95 10.93
C LYS A 406 -21.99 -8.01 12.03
N LEU A 407 -21.93 -6.95 12.85
CA LEU A 407 -21.06 -6.89 14.02
C LEU A 407 -21.89 -7.22 15.25
N THR A 408 -21.48 -8.25 15.97
CA THR A 408 -22.13 -8.55 17.26
C THR A 408 -21.33 -7.92 18.39
N PRO A 409 -21.95 -7.15 19.27
CA PRO A 409 -21.20 -6.53 20.37
C PRO A 409 -20.73 -7.56 21.39
N ALA A 410 -19.55 -7.31 21.95
CA ALA A 410 -19.01 -8.14 23.04
C ALA A 410 -19.87 -8.04 24.28
#